data_8IV3
#
_entry.id   8IV3
#
_cell.length_a   58.586
_cell.length_b   92.014
_cell.length_c   96.584
_cell.angle_alpha   90.00
_cell.angle_beta   90.00
_cell.angle_gamma   90.00
#
_symmetry.space_group_name_H-M   'P 21 21 21'
#
loop_
_entity.id
_entity.type
_entity.pdbx_description
1 polymer Nucleoprotein
2 non-polymer N,N-dimethyl-1-(5-phenylmethoxy-1H-indol-3-yl)methanamine
3 water water
#
_entity_poly.entity_id   1
_entity_poly.type   'polypeptide(L)'
_entity_poly.pdbx_seq_one_letter_code
;MGSSHHHHHHSSGLVPRGSHMRPQGLPNNTASWFTALTQHGKEDLKFPRGQGVPINTNSSPDDQIGYYRRATRRIRGGDG
KMKDLSPRWYFYYLGTGPEAGLPYGANKDGIIWVATEGALNTPKDHIGTRNPANNAAIVLQLPQGTTLPKGFYAE
;
_entity_poly.pdbx_strand_id   A,B,C,D
#
# COMPACT_ATOMS: atom_id res chain seq x y z
N ASN A 29 -5.22 -1.18 -1.57
CA ASN A 29 -3.95 -0.86 -0.93
C ASN A 29 -3.88 -1.50 0.46
N THR A 30 -2.92 -2.41 0.62
CA THR A 30 -2.73 -3.14 1.87
C THR A 30 -1.33 -2.86 2.42
N ALA A 31 -1.05 -3.41 3.59
CA ALA A 31 0.22 -3.13 4.25
C ALA A 31 0.42 -4.14 5.38
N SER A 32 1.67 -4.28 5.80
CA SER A 32 2.00 -5.00 7.02
C SER A 32 1.33 -4.38 8.23
N TRP A 33 0.96 -5.24 9.20
CA TRP A 33 0.44 -4.70 10.46
C TRP A 33 1.49 -3.98 11.29
N PHE A 34 2.78 -4.13 10.95
CA PHE A 34 3.89 -3.62 11.75
C PHE A 34 4.82 -2.71 10.95
N THR A 35 5.58 -1.88 11.68
CA THR A 35 6.62 -1.10 11.04
C THR A 35 7.79 -2.03 10.64
N ALA A 36 8.80 -1.44 10.00
CA ALA A 36 9.79 -2.22 9.28
C ALA A 36 11.09 -2.39 10.05
N LEU A 37 11.85 -3.42 9.66
CA LEU A 37 13.27 -3.51 9.98
C LEU A 37 14.09 -2.99 8.80
N THR A 38 15.12 -2.20 9.10
CA THR A 38 16.03 -1.65 8.11
C THR A 38 17.34 -2.44 8.10
N GLN A 39 17.78 -2.84 6.91
CA GLN A 39 19.00 -3.61 6.71
C GLN A 39 20.13 -2.67 6.34
N HIS A 40 21.20 -2.68 7.14
CA HIS A 40 22.37 -1.89 6.83
C HIS A 40 23.53 -2.73 6.29
N GLY A 41 23.51 -4.03 6.52
CA GLY A 41 24.55 -4.92 6.05
C GLY A 41 24.29 -5.40 4.64
N LYS A 42 25.11 -6.36 4.22
CA LYS A 42 25.08 -6.88 2.87
C LYS A 42 24.29 -8.17 2.74
N GLU A 43 23.89 -8.80 3.84
CA GLU A 43 23.22 -10.09 3.80
C GLU A 43 21.74 -9.95 4.13
N ASP A 44 20.98 -10.96 3.71
CA ASP A 44 19.54 -10.97 3.90
C ASP A 44 19.20 -11.21 5.37
N LEU A 45 18.03 -10.71 5.79
CA LEU A 45 17.56 -10.92 7.15
C LEU A 45 17.41 -12.41 7.43
N LYS A 46 17.73 -12.81 8.66
CA LYS A 46 17.56 -14.20 9.08
C LYS A 46 17.51 -14.25 10.60
N PHE A 47 16.48 -14.85 11.14
CA PHE A 47 16.32 -15.02 12.57
C PHE A 47 16.69 -16.43 12.97
N PRO A 48 17.08 -16.66 14.22
CA PRO A 48 17.27 -18.03 14.69
C PRO A 48 15.93 -18.70 14.95
N ARG A 49 15.97 -20.03 14.95
CA ARG A 49 14.75 -20.82 15.02
C ARG A 49 13.98 -20.52 16.31
N GLY A 50 12.72 -20.12 16.15
CA GLY A 50 11.88 -19.81 17.28
C GLY A 50 11.74 -18.34 17.62
N GLN A 51 12.47 -17.45 16.97
CA GLN A 51 12.27 -16.01 17.20
C GLN A 51 12.00 -15.30 15.89
N GLY A 52 11.63 -14.02 16.00
CA GLY A 52 11.39 -13.16 14.85
C GLY A 52 9.98 -12.62 14.74
N VAL A 53 9.00 -13.22 15.40
CA VAL A 53 7.61 -12.78 15.23
C VAL A 53 7.36 -11.54 16.10
N PRO A 54 6.87 -10.45 15.52
CA PRO A 54 6.57 -9.26 16.32
C PRO A 54 5.48 -9.54 17.33
N ILE A 55 5.53 -8.80 18.45
CA ILE A 55 4.49 -8.90 19.47
C ILE A 55 3.23 -8.23 18.94
N ASN A 56 2.10 -8.92 19.09
CA ASN A 56 0.78 -8.38 18.77
C ASN A 56 -0.15 -8.93 19.85
N THR A 57 -0.55 -8.06 20.78
CA THR A 57 -1.37 -8.48 21.91
C THR A 57 -2.75 -8.95 21.49
N ASN A 58 -3.19 -8.65 20.28
CA ASN A 58 -4.50 -9.11 19.81
C ASN A 58 -4.43 -10.46 19.11
N SER A 59 -3.26 -11.07 19.03
CA SER A 59 -3.10 -12.37 18.40
C SER A 59 -2.93 -13.45 19.47
N SER A 60 -3.11 -14.70 19.05
CA SER A 60 -3.02 -15.86 19.92
C SER A 60 -1.71 -16.60 19.69
N PRO A 61 -1.31 -17.51 20.59
CA PRO A 61 -0.11 -18.32 20.33
C PRO A 61 -0.16 -19.12 19.03
N ASP A 62 -1.35 -19.58 18.62
CA ASP A 62 -1.50 -20.28 17.34
C ASP A 62 -1.09 -19.42 16.15
N ASP A 63 -1.20 -18.08 16.29
CA ASP A 63 -1.02 -17.14 15.18
C ASP A 63 0.42 -16.77 14.89
N GLN A 64 1.39 -17.21 15.70
CA GLN A 64 2.72 -16.58 15.73
C GLN A 64 3.65 -17.20 14.68
N ILE A 65 3.39 -16.88 13.41
CA ILE A 65 4.13 -17.50 12.32
C ILE A 65 3.93 -16.66 11.06
N GLY A 66 5.03 -16.41 10.34
CA GLY A 66 4.93 -15.55 9.17
C GLY A 66 6.28 -15.40 8.49
N TYR A 67 6.33 -14.44 7.57
CA TYR A 67 7.52 -14.16 6.77
C TYR A 67 7.82 -12.66 6.79
N TYR A 68 9.10 -12.32 6.65
CA TYR A 68 9.53 -10.97 6.34
C TYR A 68 9.80 -10.86 4.85
N ARG A 69 9.31 -9.79 4.24
CA ARG A 69 9.53 -9.50 2.83
C ARG A 69 10.36 -8.24 2.67
N ARG A 70 11.35 -8.28 1.77
CA ARG A 70 12.20 -7.13 1.50
C ARG A 70 11.52 -6.18 0.52
N ALA A 71 11.58 -4.88 0.84
CA ALA A 71 11.13 -3.81 -0.03
C ALA A 71 12.36 -2.97 -0.36
N THR A 72 12.66 -2.86 -1.64
CA THR A 72 13.80 -2.08 -2.12
C THR A 72 13.36 -0.65 -2.44
N ARG A 73 14.28 0.28 -2.21
CA ARG A 73 14.01 1.69 -2.39
C ARG A 73 15.16 2.31 -3.17
N ARG A 74 14.81 3.14 -4.15
CA ARG A 74 15.78 3.75 -5.05
C ARG A 74 15.42 5.22 -5.23
N ILE A 75 16.42 6.09 -5.24
CA ILE A 75 16.22 7.52 -5.42
C ILE A 75 17.26 8.05 -6.39
N ARG A 76 17.17 9.35 -6.64
CA ARG A 76 18.13 10.05 -7.47
C ARG A 76 19.15 10.82 -6.64
N GLY A 78 24.85 13.43 -4.79
CA GLY A 78 23.43 13.34 -5.06
C GLY A 78 23.14 13.24 -6.55
N ASP A 79 24.20 13.28 -7.36
CA ASP A 79 24.07 13.36 -8.81
C ASP A 79 24.62 12.12 -9.51
N GLY A 80 24.74 11.00 -8.81
CA GLY A 80 25.21 9.77 -9.42
C GLY A 80 24.08 8.91 -9.95
N LYS A 81 23.07 9.55 -10.56
CA LYS A 81 21.88 8.88 -11.08
C LYS A 81 21.19 8.17 -9.92
N MET A 82 20.95 6.87 -9.97
CA MET A 82 20.18 6.18 -8.94
C MET A 82 21.06 5.75 -7.77
N LYS A 83 20.52 5.93 -6.56
CA LYS A 83 21.18 5.48 -5.34
C LYS A 83 20.25 4.53 -4.60
N ASP A 84 20.75 3.31 -4.35
CA ASP A 84 20.00 2.32 -3.60
C ASP A 84 20.04 2.69 -2.12
N LEU A 85 18.87 2.90 -1.52
CA LEU A 85 18.81 3.07 -0.08
C LEU A 85 18.76 1.72 0.63
N SER A 86 18.89 1.76 1.94
CA SER A 86 18.84 0.56 2.74
C SER A 86 17.52 -0.18 2.50
N PRO A 87 17.56 -1.48 2.24
CA PRO A 87 16.29 -2.21 2.07
C PRO A 87 15.55 -2.27 3.39
N ARG A 88 14.24 -2.45 3.31
CA ARG A 88 13.46 -2.63 4.52
C ARG A 88 12.78 -3.98 4.48
N TRP A 89 12.43 -4.50 5.66
CA TRP A 89 11.82 -5.83 5.74
C TRP A 89 10.56 -5.73 6.57
N TYR A 90 9.43 -6.17 6.00
CA TYR A 90 8.12 -6.03 6.62
C TYR A 90 7.55 -7.40 6.94
N PHE A 91 6.94 -7.57 8.11
CA PHE A 91 6.43 -8.88 8.50
C PHE A 91 4.97 -9.09 8.06
N TYR A 92 4.66 -10.29 7.57
CA TYR A 92 3.30 -10.68 7.27
C TYR A 92 3.01 -12.05 7.86
N TYR A 93 1.86 -12.18 8.50
CA TYR A 93 1.46 -13.47 9.04
C TYR A 93 1.35 -14.49 7.92
N LEU A 94 1.68 -15.73 8.25
CA LEU A 94 1.53 -16.85 7.31
C LEU A 94 0.15 -16.81 6.68
N GLY A 95 0.12 -16.88 5.36
CA GLY A 95 -1.13 -16.97 4.61
C GLY A 95 -1.73 -15.64 4.24
N THR A 96 -1.06 -14.53 4.54
CA THR A 96 -1.51 -13.18 4.23
C THR A 96 -0.39 -12.44 3.51
N GLY A 97 -0.76 -11.28 2.94
CA GLY A 97 0.20 -10.35 2.38
C GLY A 97 0.57 -10.64 0.94
N PRO A 98 1.60 -9.96 0.43
CA PRO A 98 1.98 -10.13 -0.99
C PRO A 98 2.38 -11.53 -1.36
N GLU A 99 2.82 -12.34 -0.39
CA GLU A 99 3.14 -13.74 -0.64
C GLU A 99 2.19 -14.65 0.14
N ALA A 100 0.90 -14.29 0.20
CA ALA A 100 -0.08 -15.04 0.97
C ALA A 100 -0.14 -16.51 0.55
N GLY A 101 0.16 -16.81 -0.71
CA GLY A 101 0.10 -18.18 -1.21
C GLY A 101 1.30 -19.04 -0.92
N LEU A 102 2.40 -18.45 -0.44
CA LEU A 102 3.61 -19.23 -0.21
C LEU A 102 3.48 -20.06 1.06
N PRO A 103 3.81 -21.35 1.02
CA PRO A 103 3.80 -22.13 2.25
C PRO A 103 5.05 -21.82 3.05
N TYR A 104 4.90 -21.94 4.37
CA TYR A 104 6.03 -21.78 5.28
C TYR A 104 7.27 -22.51 4.77
N GLY A 105 8.41 -21.83 4.80
CA GLY A 105 9.68 -22.43 4.41
C GLY A 105 10.02 -22.35 2.93
N ALA A 106 9.08 -21.95 2.07
CA ALA A 106 9.36 -21.80 0.65
C ALA A 106 10.56 -20.90 0.39
N ASN A 107 11.41 -21.33 -0.54
CA ASN A 107 12.61 -20.60 -0.93
C ASN A 107 12.25 -19.56 -1.99
N LYS A 108 12.33 -18.29 -1.61
CA LYS A 108 12.14 -17.19 -2.55
C LYS A 108 13.01 -16.03 -2.10
N ASP A 109 13.74 -15.43 -3.04
CA ASP A 109 14.56 -14.27 -2.73
C ASP A 109 13.68 -13.15 -2.19
N GLY A 110 14.18 -12.47 -1.16
CA GLY A 110 13.41 -11.42 -0.52
C GLY A 110 12.40 -11.88 0.50
N ILE A 111 12.31 -13.19 0.77
CA ILE A 111 11.36 -13.77 1.71
C ILE A 111 12.14 -14.61 2.72
N ILE A 112 11.94 -14.33 4.01
CA ILE A 112 12.53 -15.18 5.06
C ILE A 112 11.47 -15.51 6.10
N TRP A 113 11.53 -16.72 6.66
CA TRP A 113 10.45 -17.27 7.48
C TRP A 113 10.80 -17.23 8.97
N VAL A 114 9.79 -16.96 9.80
CA VAL A 114 9.93 -16.93 11.25
C VAL A 114 8.68 -17.55 11.87
N ALA A 115 8.86 -18.16 13.04
CA ALA A 115 7.75 -18.76 13.77
C ALA A 115 8.11 -18.95 15.23
N THR A 116 7.13 -18.79 16.12
CA THR A 116 7.31 -19.12 17.52
C THR A 116 6.95 -20.58 17.76
N GLU A 117 7.66 -21.21 18.70
CA GLU A 117 7.37 -22.59 19.07
C GLU A 117 5.90 -22.78 19.39
N GLY A 118 5.29 -23.79 18.75
CA GLY A 118 3.90 -24.09 18.98
C GLY A 118 2.91 -23.35 18.12
N ALA A 119 3.37 -22.49 17.22
CA ALA A 119 2.45 -21.85 16.29
C ALA A 119 1.91 -22.86 15.28
N LEU A 120 0.66 -22.68 14.88
CA LEU A 120 0.01 -23.56 13.92
C LEU A 120 0.36 -23.21 12.49
N ASN A 121 0.58 -24.25 11.67
CA ASN A 121 0.88 -24.06 10.25
C ASN A 121 -0.45 -24.04 9.48
N THR A 122 -1.16 -22.92 9.66
CA THR A 122 -2.43 -22.64 9.00
C THR A 122 -2.43 -21.18 8.58
N PRO A 123 -3.19 -20.82 7.55
CA PRO A 123 -3.26 -19.42 7.13
C PRO A 123 -3.96 -18.57 8.18
N LYS A 124 -3.48 -17.34 8.35
CA LYS A 124 -4.06 -16.45 9.35
C LYS A 124 -5.00 -15.46 8.68
N ASP A 125 -6.01 -15.97 7.95
CA ASP A 125 -6.90 -15.06 7.23
C ASP A 125 -7.72 -14.19 8.18
N HIS A 126 -7.96 -14.65 9.41
CA HIS A 126 -8.69 -13.84 10.39
C HIS A 126 -7.90 -12.64 10.87
N ILE A 127 -6.58 -12.62 10.70
CA ILE A 127 -5.79 -11.44 11.00
C ILE A 127 -5.61 -10.57 9.76
N GLY A 128 -5.36 -11.21 8.62
CA GLY A 128 -5.18 -10.51 7.37
C GLY A 128 -4.10 -9.44 7.41
N THR A 129 -4.20 -8.47 6.53
CA THR A 129 -3.27 -7.35 6.47
C THR A 129 -3.96 -6.09 6.96
N ARG A 130 -3.18 -5.01 7.06
CA ARG A 130 -3.64 -3.72 7.56
C ARG A 130 -4.06 -2.80 6.42
N ASN A 131 -5.19 -2.10 6.61
CA ASN A 131 -5.56 -1.08 5.66
C ASN A 131 -5.20 0.26 6.28
N PRO A 132 -4.19 0.98 5.77
CA PRO A 132 -3.74 2.21 6.45
C PRO A 132 -4.80 3.30 6.51
N ALA A 133 -5.87 3.22 5.73
CA ALA A 133 -6.95 4.19 5.85
C ALA A 133 -7.73 4.05 7.15
N ASN A 134 -7.56 2.93 7.87
CA ASN A 134 -8.23 2.68 9.14
C ASN A 134 -7.30 2.45 10.30
N ASN A 135 -6.08 1.98 10.09
CA ASN A 135 -5.19 1.62 11.19
C ASN A 135 -3.76 2.01 10.86
N ALA A 136 -3.12 2.73 11.78
CA ALA A 136 -1.70 2.92 11.68
C ALA A 136 -0.97 1.63 12.05
N ALA A 137 0.27 1.52 11.57
CA ALA A 137 1.06 0.33 11.86
C ALA A 137 1.34 0.21 13.34
N ILE A 138 1.30 -1.02 13.83
CA ILE A 138 1.80 -1.36 15.16
C ILE A 138 3.32 -1.19 15.16
N VAL A 139 3.84 -0.52 16.21
CA VAL A 139 5.30 -0.43 16.34
C VAL A 139 5.88 -1.83 16.49
N LEU A 140 6.81 -2.18 15.60
CA LEU A 140 7.39 -3.51 15.65
C LEU A 140 8.26 -3.66 16.89
N GLN A 141 7.99 -4.72 17.65
CA GLN A 141 8.68 -5.01 18.89
C GLN A 141 8.92 -6.51 18.95
N LEU A 142 10.12 -6.91 19.33
CA LEU A 142 10.48 -8.31 19.35
C LEU A 142 10.53 -8.83 20.79
N PRO A 143 10.20 -10.10 21.02
CA PRO A 143 10.11 -10.61 22.39
C PRO A 143 11.43 -10.54 23.14
N GLN A 144 11.32 -10.41 24.45
CA GLN A 144 12.44 -10.44 25.37
C GLN A 144 13.47 -11.50 25.00
N GLY A 145 14.73 -11.11 24.93
CA GLY A 145 15.81 -12.03 24.62
C GLY A 145 16.04 -12.32 23.16
N THR A 146 15.37 -11.63 22.25
CA THR A 146 15.55 -11.87 20.83
C THR A 146 16.85 -11.24 20.32
N THR A 147 17.49 -11.95 19.40
CA THR A 147 18.71 -11.48 18.74
C THR A 147 18.38 -11.04 17.32
N LEU A 148 18.58 -9.75 17.03
CA LEU A 148 18.56 -9.26 15.66
C LEU A 148 19.92 -9.48 15.02
N PRO A 149 19.98 -9.92 13.76
CA PRO A 149 21.27 -10.09 13.09
C PRO A 149 21.99 -8.76 12.95
N LYS A 150 23.31 -8.83 12.75
CA LYS A 150 24.10 -7.62 12.57
C LYS A 150 23.54 -6.77 11.43
N GLY A 151 23.45 -5.47 11.67
CA GLY A 151 23.09 -4.52 10.64
C GLY A 151 21.63 -4.17 10.59
N PHE A 152 20.78 -4.83 11.36
CA PHE A 152 19.35 -4.64 11.28
C PHE A 152 18.86 -3.81 12.46
N TYR A 153 18.04 -2.81 12.16
CA TYR A 153 17.45 -2.00 13.21
C TYR A 153 15.97 -1.74 12.94
N ALA A 154 15.15 -1.91 13.98
CA ALA A 154 13.76 -1.51 13.92
C ALA A 154 13.66 0.00 14.03
N GLU A 155 12.91 0.61 13.11
CA GLU A 155 12.75 2.07 13.06
C GLU A 155 14.10 2.79 12.99
N ASN B 28 -10.79 7.59 -31.57
CA ASN B 28 -9.62 7.13 -32.31
C ASN B 28 -8.69 6.31 -31.41
N ASN B 29 -7.46 6.09 -31.87
CA ASN B 29 -6.45 5.35 -31.14
C ASN B 29 -5.37 6.32 -30.67
N THR B 30 -4.95 6.18 -29.42
CA THR B 30 -4.14 7.25 -28.81
C THR B 30 -2.99 6.64 -28.02
N ALA B 31 -2.33 7.50 -27.25
CA ALA B 31 -1.06 7.19 -26.62
C ALA B 31 -1.02 7.86 -25.26
N SER B 32 -0.16 7.32 -24.40
CA SER B 32 0.21 8.03 -23.18
C SER B 32 0.77 9.39 -23.54
N TRP B 33 0.50 10.38 -22.68
CA TRP B 33 1.16 11.67 -22.86
C TRP B 33 2.66 11.57 -22.63
N PHE B 34 3.12 10.50 -22.00
CA PHE B 34 4.50 10.44 -21.54
C PHE B 34 5.22 9.22 -22.12
N THR B 35 6.54 9.32 -22.16
CA THR B 35 7.35 8.14 -22.45
C THR B 35 7.21 7.10 -21.33
N ALA B 36 7.54 5.86 -21.67
CA ALA B 36 7.33 4.73 -20.77
C ALA B 36 8.46 4.60 -19.75
N LEU B 37 8.12 3.99 -18.62
CA LEU B 37 9.11 3.48 -17.67
C LEU B 37 9.33 2.01 -17.98
N THR B 38 10.57 1.61 -18.24
CA THR B 38 10.84 0.21 -18.52
C THR B 38 11.26 -0.52 -17.26
N GLN B 39 10.67 -1.69 -17.06
CA GLN B 39 10.98 -2.54 -15.92
C GLN B 39 12.12 -3.47 -16.30
N HIS B 40 13.32 -3.18 -15.78
CA HIS B 40 14.48 -4.03 -15.98
C HIS B 40 14.72 -4.99 -14.83
N GLY B 41 13.82 -5.00 -13.84
CA GLY B 41 13.95 -5.89 -12.70
C GLY B 41 12.77 -6.83 -12.60
N LYS B 42 12.87 -7.72 -11.61
CA LYS B 42 11.78 -8.65 -11.32
C LYS B 42 10.62 -8.00 -10.60
N GLU B 43 10.82 -6.81 -10.04
CA GLU B 43 9.79 -6.16 -9.22
C GLU B 43 8.86 -5.33 -10.08
N ASP B 44 7.56 -5.45 -9.84
CA ASP B 44 6.56 -4.63 -10.50
C ASP B 44 6.73 -3.17 -10.07
N LEU B 45 6.23 -2.27 -10.92
CA LEU B 45 6.22 -0.85 -10.58
C LEU B 45 5.30 -0.62 -9.38
N LYS B 46 5.81 0.14 -8.41
CA LYS B 46 5.00 0.56 -7.26
C LYS B 46 5.59 1.86 -6.72
N PHE B 47 4.72 2.68 -6.14
CA PHE B 47 5.13 3.93 -5.53
C PHE B 47 4.47 4.07 -4.17
N PRO B 48 5.16 4.68 -3.21
CA PRO B 48 4.49 5.05 -1.96
C PRO B 48 3.40 6.08 -2.21
N ARG B 49 2.38 6.05 -1.35
CA ARG B 49 1.25 6.96 -1.48
C ARG B 49 1.74 8.41 -1.56
N GLY B 50 1.19 9.16 -2.51
CA GLY B 50 1.59 10.54 -2.74
C GLY B 50 2.63 10.74 -3.81
N GLN B 51 3.22 9.68 -4.32
CA GLN B 51 4.43 9.72 -5.14
C GLN B 51 4.15 9.03 -6.48
N GLY B 52 4.91 9.41 -7.51
CA GLY B 52 4.92 8.66 -8.76
C GLY B 52 4.19 9.29 -9.93
N VAL B 53 3.47 10.39 -9.72
CA VAL B 53 2.81 11.06 -10.85
C VAL B 53 3.86 11.81 -11.66
N PRO B 54 3.90 11.63 -12.98
CA PRO B 54 4.93 12.31 -13.79
C PRO B 54 4.78 13.82 -13.77
N ILE B 55 5.92 14.50 -13.86
CA ILE B 55 5.96 15.96 -13.85
C ILE B 55 5.39 16.50 -15.15
N ASN B 56 4.49 17.47 -15.05
CA ASN B 56 3.86 18.02 -16.24
C ASN B 56 3.60 19.50 -15.96
N THR B 57 4.51 20.38 -16.40
CA THR B 57 4.35 21.80 -16.12
C THR B 57 3.04 22.35 -16.67
N ASN B 58 2.46 21.71 -17.68
CA ASN B 58 1.16 22.11 -18.19
C ASN B 58 0.01 21.67 -17.29
N SER B 59 0.29 20.98 -16.19
CA SER B 59 -0.75 20.40 -15.34
C SER B 59 -0.79 21.06 -13.98
N SER B 60 -2.02 21.08 -13.37
CA SER B 60 -2.50 21.61 -12.10
C SER B 60 -2.39 20.55 -10.99
N PRO B 61 -2.23 20.99 -9.74
CA PRO B 61 -2.23 20.03 -8.61
C PRO B 61 -3.53 19.25 -8.47
N ASP B 62 -4.64 19.75 -9.03
CA ASP B 62 -5.89 19.00 -9.00
C ASP B 62 -5.78 17.73 -9.87
N ASP B 63 -5.06 17.82 -11.00
CA ASP B 63 -5.00 16.75 -11.99
C ASP B 63 -4.04 15.61 -11.62
N GLN B 64 -3.28 15.74 -10.53
CA GLN B 64 -2.15 14.85 -10.27
C GLN B 64 -2.63 13.51 -9.70
N ILE B 65 -3.28 12.73 -10.57
CA ILE B 65 -3.82 11.41 -10.21
C ILE B 65 -3.92 10.53 -11.45
N GLY B 66 -3.52 9.26 -11.34
CA GLY B 66 -3.60 8.37 -12.48
C GLY B 66 -3.07 6.98 -12.20
N TYR B 67 -2.72 6.28 -13.27
CA TYR B 67 -2.26 4.90 -13.16
C TYR B 67 -1.17 4.63 -14.19
N TYR B 68 -0.28 3.70 -13.87
CA TYR B 68 0.60 3.11 -14.86
C TYR B 68 0.03 1.78 -15.32
N ARG B 69 0.13 1.53 -16.60
CA ARG B 69 -0.37 0.31 -17.22
C ARG B 69 0.80 -0.42 -17.87
N ARG B 70 0.95 -1.70 -17.55
CA ARG B 70 2.03 -2.49 -18.08
C ARG B 70 1.68 -2.92 -19.51
N ALA B 71 2.64 -2.75 -20.40
CA ALA B 71 2.54 -3.11 -21.82
C ALA B 71 3.72 -4.04 -22.06
N THR B 72 3.42 -5.28 -22.31
CA THR B 72 4.44 -6.28 -22.55
C THR B 72 4.52 -6.54 -24.04
N ARG B 73 5.74 -6.66 -24.55
CA ARG B 73 5.93 -6.97 -25.95
C ARG B 73 6.59 -8.33 -26.09
N ARG B 74 6.22 -9.05 -27.14
CA ARG B 74 6.92 -10.27 -27.53
C ARG B 74 7.68 -10.02 -28.83
N ILE B 75 8.74 -10.81 -29.03
CA ILE B 75 9.60 -10.65 -30.19
C ILE B 75 10.15 -12.03 -30.55
N ARG B 76 10.47 -12.19 -31.83
CA ARG B 76 11.10 -13.42 -32.28
C ARG B 76 12.57 -13.36 -31.91
N GLY B 77 13.01 -14.31 -31.09
CA GLY B 77 14.40 -14.38 -30.70
C GLY B 77 15.26 -15.06 -31.75
N GLY B 78 16.57 -15.10 -31.48
CA GLY B 78 17.52 -15.71 -32.39
C GLY B 78 17.43 -17.22 -32.50
N ASP B 79 16.70 -17.87 -31.58
CA ASP B 79 16.37 -19.28 -31.73
C ASP B 79 15.04 -19.48 -32.41
N GLY B 80 14.35 -18.41 -32.79
CA GLY B 80 13.08 -18.53 -33.47
C GLY B 80 11.89 -18.74 -32.56
N LYS B 81 12.08 -18.82 -31.25
CA LYS B 81 10.97 -18.84 -30.32
C LYS B 81 10.61 -17.42 -29.92
N MET B 82 9.31 -17.17 -29.79
CA MET B 82 8.83 -15.94 -29.20
C MET B 82 9.45 -15.77 -27.81
N LYS B 83 9.69 -14.53 -27.43
CA LYS B 83 10.19 -14.27 -26.09
C LYS B 83 9.74 -12.88 -25.67
N ASP B 84 9.61 -12.68 -24.37
CA ASP B 84 9.13 -11.40 -23.89
C ASP B 84 10.27 -10.39 -23.87
N LEU B 85 9.94 -9.13 -24.15
CA LEU B 85 10.85 -8.03 -23.93
C LEU B 85 10.57 -7.46 -22.54
N SER B 86 11.38 -6.48 -22.14
CA SER B 86 11.19 -5.87 -20.83
C SER B 86 9.83 -5.16 -20.80
N PRO B 87 9.02 -5.38 -19.78
CA PRO B 87 7.73 -4.68 -19.70
C PRO B 87 7.92 -3.16 -19.65
N ARG B 88 7.02 -2.45 -20.31
CA ARG B 88 6.99 -0.99 -20.29
C ARG B 88 5.78 -0.54 -19.51
N TRP B 89 5.93 0.50 -18.69
CA TRP B 89 4.82 1.01 -17.91
C TRP B 89 4.49 2.42 -18.38
N TYR B 90 3.28 2.61 -18.89
CA TYR B 90 2.85 3.91 -19.43
C TYR B 90 1.92 4.58 -18.43
N PHE B 91 2.13 5.88 -18.19
CA PHE B 91 1.25 6.62 -17.30
C PHE B 91 0.06 7.20 -18.06
N TYR B 92 -1.10 7.14 -17.42
CA TYR B 92 -2.34 7.76 -17.89
C TYR B 92 -3.05 8.43 -16.72
N TYR B 93 -3.49 9.67 -16.93
CA TYR B 93 -4.28 10.33 -15.90
C TYR B 93 -5.58 9.57 -15.67
N LEU B 94 -6.09 9.66 -14.44
CA LEU B 94 -7.33 8.98 -14.06
C LEU B 94 -8.46 9.32 -15.03
N GLY B 95 -9.23 8.31 -15.41
CA GLY B 95 -10.35 8.52 -16.32
C GLY B 95 -9.95 8.71 -17.77
N THR B 96 -8.72 8.36 -18.12
CA THR B 96 -8.27 8.45 -19.50
C THR B 96 -7.57 7.15 -19.86
N GLY B 97 -7.38 6.94 -21.15
CA GLY B 97 -6.53 5.88 -21.63
C GLY B 97 -7.21 4.53 -21.68
N PRO B 98 -6.42 3.46 -21.86
CA PRO B 98 -7.01 2.11 -22.00
C PRO B 98 -7.93 1.70 -20.87
N GLU B 99 -7.65 2.15 -19.65
CA GLU B 99 -8.48 1.84 -18.50
C GLU B 99 -9.22 3.09 -18.01
N ALA B 100 -9.75 3.87 -18.96
CA ALA B 100 -10.47 5.09 -18.60
C ALA B 100 -11.67 4.82 -17.72
N GLY B 101 -12.24 3.61 -17.76
CA GLY B 101 -13.41 3.31 -16.96
C GLY B 101 -13.15 3.00 -15.50
N LEU B 102 -11.89 2.84 -15.11
CA LEU B 102 -11.57 2.35 -13.77
C LEU B 102 -11.55 3.50 -12.76
N PRO B 103 -12.20 3.35 -11.60
CA PRO B 103 -12.01 4.33 -10.52
C PRO B 103 -10.63 4.15 -9.90
N TYR B 104 -10.21 5.18 -9.17
CA TYR B 104 -8.90 5.13 -8.53
C TYR B 104 -8.81 3.94 -7.58
N GLY B 105 -7.68 3.24 -7.61
CA GLY B 105 -7.46 2.11 -6.74
C GLY B 105 -8.01 0.78 -7.23
N ALA B 106 -8.53 0.71 -8.46
CA ALA B 106 -9.11 -0.52 -8.98
C ALA B 106 -8.08 -1.64 -8.98
N ASN B 107 -8.54 -2.86 -8.70
CA ASN B 107 -7.72 -4.06 -8.71
C ASN B 107 -7.71 -4.65 -10.11
N LYS B 108 -6.59 -4.54 -10.80
CA LYS B 108 -6.44 -5.13 -12.13
C LYS B 108 -4.97 -5.41 -12.38
N ASP B 109 -4.66 -6.64 -12.76
CA ASP B 109 -3.27 -6.98 -13.03
C ASP B 109 -2.71 -6.08 -14.12
N GLY B 110 -1.49 -5.61 -13.92
CA GLY B 110 -0.86 -4.70 -14.84
C GLY B 110 -1.22 -3.25 -14.64
N ILE B 111 -1.96 -2.92 -13.59
CA ILE B 111 -2.39 -1.56 -13.33
C ILE B 111 -1.94 -1.18 -11.93
N ILE B 112 -1.23 -0.06 -11.80
CA ILE B 112 -0.85 0.43 -10.48
C ILE B 112 -1.20 1.91 -10.38
N TRP B 113 -1.59 2.35 -9.18
CA TRP B 113 -2.20 3.65 -9.02
C TRP B 113 -1.27 4.63 -8.29
N VAL B 114 -1.31 5.88 -8.72
CA VAL B 114 -0.54 6.96 -8.10
C VAL B 114 -1.41 8.20 -7.99
N ALA B 115 -1.21 8.95 -6.91
CA ALA B 115 -1.97 10.17 -6.67
C ALA B 115 -1.15 11.09 -5.80
N THR B 116 -1.11 12.36 -6.18
CA THR B 116 -0.39 13.36 -5.42
C THR B 116 -1.33 13.95 -4.37
N GLU B 117 -0.80 14.23 -3.18
CA GLU B 117 -1.58 14.85 -2.11
C GLU B 117 -2.49 15.96 -2.64
N GLY B 118 -3.79 15.81 -2.37
CA GLY B 118 -4.75 16.84 -2.73
C GLY B 118 -5.22 16.84 -4.16
N ALA B 119 -4.92 15.80 -4.94
CA ALA B 119 -5.51 15.68 -6.25
C ALA B 119 -6.98 15.29 -6.11
N LEU B 120 -7.81 15.71 -7.07
CA LEU B 120 -9.22 15.40 -7.02
C LEU B 120 -9.50 14.06 -7.69
N ASN B 121 -10.24 13.20 -6.97
CA ASN B 121 -10.68 11.91 -7.49
C ASN B 121 -11.81 12.16 -8.48
N THR B 122 -11.47 12.81 -9.59
CA THR B 122 -12.37 13.06 -10.70
C THR B 122 -11.71 12.60 -11.98
N PRO B 123 -12.49 12.14 -12.97
CA PRO B 123 -11.88 11.77 -14.25
C PRO B 123 -11.29 13.00 -14.92
N LYS B 124 -10.12 12.82 -15.51
CA LYS B 124 -9.36 13.93 -16.11
C LYS B 124 -9.55 13.98 -17.62
N ASP B 125 -10.81 13.99 -18.07
CA ASP B 125 -11.11 14.00 -19.50
C ASP B 125 -10.71 15.30 -20.19
N HIS B 126 -10.38 16.34 -19.44
CA HIS B 126 -9.98 17.58 -20.09
C HIS B 126 -8.57 17.49 -20.66
N ILE B 127 -7.73 16.62 -20.09
CA ILE B 127 -6.38 16.47 -20.60
C ILE B 127 -6.27 15.25 -21.50
N GLY B 128 -7.06 14.21 -21.20
CA GLY B 128 -7.22 13.08 -22.11
C GLY B 128 -5.91 12.38 -22.46
N THR B 129 -5.86 11.82 -23.67
CA THR B 129 -4.66 11.14 -24.17
C THR B 129 -4.12 11.85 -25.41
N ARG B 130 -2.97 11.39 -25.88
CA ARG B 130 -2.16 12.08 -26.87
C ARG B 130 -2.41 11.52 -28.27
N ASN B 131 -2.46 12.40 -29.26
CA ASN B 131 -2.38 11.93 -30.65
C ASN B 131 -0.96 12.15 -31.14
N PRO B 132 -0.19 11.09 -31.39
CA PRO B 132 1.21 11.30 -31.83
C PRO B 132 1.34 11.99 -33.17
N ALA B 133 0.25 12.13 -33.93
CA ALA B 133 0.30 12.89 -35.18
C ALA B 133 0.68 14.35 -34.91
N ASN B 134 0.14 14.93 -33.84
CA ASN B 134 0.33 16.36 -33.62
C ASN B 134 0.82 16.69 -32.22
N ASN B 135 1.40 15.72 -31.51
CA ASN B 135 1.97 15.99 -30.18
C ASN B 135 3.07 14.97 -29.91
N ALA B 136 4.28 15.46 -29.65
CA ALA B 136 5.32 14.58 -29.11
C ALA B 136 4.93 14.10 -27.72
N ALA B 137 5.48 12.95 -27.34
CA ALA B 137 5.35 12.51 -25.96
C ALA B 137 6.22 13.40 -25.07
N ILE B 138 5.75 13.66 -23.86
CA ILE B 138 6.53 14.35 -22.83
C ILE B 138 7.47 13.34 -22.17
N VAL B 139 8.75 13.68 -22.11
CA VAL B 139 9.72 12.77 -21.50
C VAL B 139 9.35 12.57 -20.03
N LEU B 140 9.14 11.31 -19.64
CA LEU B 140 8.72 10.98 -18.29
C LEU B 140 9.72 11.52 -17.29
N GLN B 141 9.25 12.40 -16.41
CA GLN B 141 10.09 12.92 -15.35
C GLN B 141 9.33 12.89 -14.04
N LEU B 142 9.97 12.38 -12.99
CA LEU B 142 9.32 12.23 -11.70
C LEU B 142 9.77 13.32 -10.73
N PRO B 143 8.84 13.78 -9.89
CA PRO B 143 9.16 14.88 -8.97
C PRO B 143 10.36 14.57 -8.09
N GLN B 144 11.02 15.63 -7.67
CA GLN B 144 12.24 15.54 -6.89
C GLN B 144 12.01 14.74 -5.61
N GLY B 145 12.86 13.74 -5.38
CA GLY B 145 12.73 12.91 -4.20
C GLY B 145 11.78 11.74 -4.34
N THR B 146 11.57 11.23 -5.55
CA THR B 146 10.67 10.11 -5.77
C THR B 146 11.38 8.79 -5.57
N THR B 147 10.82 7.96 -4.70
CA THR B 147 11.38 6.64 -4.45
C THR B 147 10.85 5.66 -5.49
N LEU B 148 11.76 4.98 -6.17
CA LEU B 148 11.46 3.97 -7.16
C LEU B 148 11.84 2.59 -6.66
N PRO B 149 11.20 1.53 -7.15
CA PRO B 149 11.69 0.18 -6.89
C PRO B 149 12.97 -0.08 -7.65
N LYS B 150 13.72 -1.06 -7.15
CA LYS B 150 14.89 -1.53 -7.88
C LYS B 150 14.47 -2.07 -9.24
N GLY B 151 15.29 -1.85 -10.25
CA GLY B 151 15.00 -2.20 -11.61
C GLY B 151 14.42 -1.06 -12.44
N PHE B 152 14.13 0.07 -11.82
CA PHE B 152 13.56 1.22 -12.50
C PHE B 152 14.50 2.41 -12.35
N TYR B 153 14.53 3.27 -13.36
CA TYR B 153 15.44 4.40 -13.36
C TYR B 153 14.67 5.69 -13.62
N ALA B 154 14.93 6.71 -12.79
CA ALA B 154 14.32 8.02 -12.92
C ALA B 154 15.28 8.94 -13.67
N GLU B 155 14.93 9.30 -14.89
CA GLU B 155 15.69 10.32 -15.60
C GLU B 155 15.40 11.68 -14.98
N PRO C 27 11.22 3.65 28.12
CA PRO C 27 10.75 4.96 28.57
C PRO C 27 11.69 6.10 28.17
N ASN C 28 11.24 7.34 28.38
CA ASN C 28 12.01 8.55 28.07
C ASN C 28 12.49 8.55 26.62
N ASN C 29 11.54 8.32 25.71
CA ASN C 29 11.84 8.35 24.28
C ASN C 29 10.94 9.41 23.64
N THR C 30 11.56 10.44 23.06
CA THR C 30 10.86 11.48 22.36
C THR C 30 11.11 11.36 20.86
N ALA C 31 10.16 11.84 20.06
CA ALA C 31 10.31 11.69 18.62
C ALA C 31 9.36 12.63 17.91
N SER C 32 9.77 13.06 16.72
CA SER C 32 8.86 13.69 15.79
C SER C 32 7.69 12.78 15.49
N TRP C 33 6.53 13.39 15.23
CA TRP C 33 5.38 12.63 14.80
C TRP C 33 5.48 12.14 13.36
N PHE C 34 6.46 12.62 12.60
CA PHE C 34 6.54 12.34 11.17
C PHE C 34 7.90 11.75 10.82
N THR C 35 7.96 11.13 9.63
CA THR C 35 9.22 10.65 9.10
C THR C 35 10.08 11.84 8.63
N ALA C 36 11.35 11.56 8.37
CA ALA C 36 12.33 12.61 8.13
C ALA C 36 12.41 13.00 6.65
N LEU C 37 12.73 14.27 6.41
CA LEU C 37 13.23 14.75 5.13
C LEU C 37 14.75 14.67 5.10
N THR C 38 15.29 13.91 4.16
CA THR C 38 16.73 13.73 4.03
C THR C 38 17.23 14.65 2.94
N GLN C 39 18.37 15.30 3.19
CA GLN C 39 18.97 16.20 2.22
C GLN C 39 20.26 15.58 1.68
N HIS C 40 20.28 15.32 0.37
CA HIS C 40 21.52 14.93 -0.30
C HIS C 40 22.11 16.04 -1.14
N GLY C 41 21.36 17.13 -1.36
CA GLY C 41 21.90 18.34 -1.92
C GLY C 41 22.50 19.24 -0.85
N LYS C 42 23.07 20.35 -1.30
CA LYS C 42 23.86 21.22 -0.45
C LYS C 42 23.03 22.30 0.25
N GLU C 43 21.78 22.50 -0.15
CA GLU C 43 20.98 23.58 0.42
C GLU C 43 20.40 23.16 1.76
N ASP C 44 20.31 24.11 2.69
CA ASP C 44 19.48 23.90 3.86
C ASP C 44 18.02 23.82 3.44
N LEU C 45 17.21 23.22 4.30
CA LEU C 45 15.78 23.13 4.04
C LEU C 45 15.18 24.53 4.08
N LYS C 46 14.26 24.80 3.16
CA LYS C 46 13.56 26.07 3.15
C LYS C 46 12.27 25.90 2.36
N PHE C 47 11.17 26.38 2.92
CA PHE C 47 9.93 26.36 2.18
C PHE C 47 9.45 27.79 1.95
N PRO C 48 8.96 28.10 0.75
CA PRO C 48 8.34 29.41 0.53
C PRO C 48 7.22 29.64 1.53
N ARG C 49 7.10 30.88 1.98
CA ARG C 49 6.21 31.21 3.09
C ARG C 49 4.78 30.80 2.79
N GLY C 50 4.22 29.96 3.66
CA GLY C 50 2.86 29.47 3.53
C GLY C 50 2.72 27.97 3.34
N GLN C 51 3.81 27.25 3.10
CA GLN C 51 3.76 25.81 2.86
C GLN C 51 4.89 25.12 3.60
N GLY C 52 4.82 23.78 3.67
CA GLY C 52 5.88 22.98 4.26
C GLY C 52 5.50 22.20 5.50
N VAL C 53 4.28 22.30 6.03
CA VAL C 53 3.92 21.52 7.20
C VAL C 53 3.31 20.19 6.73
N PRO C 54 3.81 19.05 7.20
CA PRO C 54 3.28 17.77 6.75
C PRO C 54 1.80 17.61 7.10
N ILE C 55 1.12 16.77 6.31
CA ILE C 55 -0.30 16.52 6.49
C ILE C 55 -0.50 15.60 7.68
N ASN C 56 -1.40 16.00 8.59
CA ASN C 56 -1.69 15.18 9.77
C ASN C 56 -3.21 15.21 9.95
N THR C 57 -3.87 14.18 9.43
CA THR C 57 -5.33 14.11 9.47
C THR C 57 -5.86 14.16 10.89
N ASN C 58 -5.05 13.86 11.90
CA ASN C 58 -5.41 14.06 13.31
C ASN C 58 -4.92 15.41 13.80
N SER C 59 -5.28 16.48 13.11
CA SER C 59 -4.90 17.83 13.50
C SER C 59 -5.75 18.82 12.71
N SER C 60 -5.87 20.02 13.25
CA SER C 60 -6.71 21.12 12.80
C SER C 60 -5.87 22.17 12.07
N PRO C 61 -6.48 23.05 11.26
CA PRO C 61 -5.65 24.06 10.59
C PRO C 61 -5.05 25.08 11.54
N ASP C 62 -5.64 25.27 12.72
CA ASP C 62 -5.01 26.10 13.75
C ASP C 62 -3.63 25.57 14.11
N ASP C 63 -3.43 24.25 14.01
CA ASP C 63 -2.22 23.59 14.45
C ASP C 63 -1.11 23.56 13.41
N GLN C 64 -1.34 24.12 12.21
CA GLN C 64 -0.40 23.95 11.10
C GLN C 64 0.71 25.00 11.20
N ILE C 65 1.59 24.79 12.18
CA ILE C 65 2.69 25.70 12.44
C ILE C 65 3.77 24.92 13.19
N GLY C 66 5.01 25.12 12.78
CA GLY C 66 6.09 24.46 13.48
C GLY C 66 7.45 24.72 12.85
N TYR C 67 8.37 23.81 13.12
CA TYR C 67 9.75 23.93 12.68
C TYR C 67 10.30 22.56 12.29
N TYR C 68 11.19 22.56 11.30
CA TYR C 68 12.05 21.42 11.04
C TYR C 68 13.36 21.62 11.77
N ARG C 69 13.90 20.51 12.29
CA ARG C 69 15.15 20.53 13.04
C ARG C 69 16.11 19.52 12.43
N ARG C 70 17.38 19.93 12.34
CA ARG C 70 18.43 19.15 11.68
C ARG C 70 19.06 18.13 12.62
N ALA C 71 19.30 16.94 12.10
CA ALA C 71 19.99 15.87 12.78
C ALA C 71 21.12 15.40 11.88
N THR C 72 22.34 15.48 12.38
CA THR C 72 23.55 15.04 11.72
C THR C 72 23.80 13.57 12.02
N ARG C 73 24.64 12.94 11.19
CA ARG C 73 24.96 11.53 11.44
C ARG C 73 26.21 11.12 10.69
N ARG C 74 26.94 10.18 11.29
CA ARG C 74 28.06 9.46 10.69
C ARG C 74 27.79 7.96 10.78
N ILE C 75 28.56 7.16 10.04
CA ILE C 75 28.31 5.73 9.97
C ILE C 75 29.57 5.02 9.49
N ARG C 76 29.63 3.71 9.74
CA ARG C 76 30.75 2.88 9.31
C ARG C 76 30.29 1.49 8.90
N GLY C 78 32.55 4.24 4.10
CA GLY C 78 32.36 2.82 4.33
C GLY C 78 33.03 2.30 5.60
N ASP C 79 33.52 1.06 5.52
CA ASP C 79 34.17 0.44 6.67
C ASP C 79 35.52 1.08 6.94
N GLY C 80 35.85 1.25 8.22
CA GLY C 80 37.07 1.92 8.61
C GLY C 80 37.16 3.35 8.17
N LYS C 81 36.02 3.99 7.91
CA LYS C 81 35.98 5.34 7.39
C LYS C 81 34.89 6.10 8.14
N MET C 82 35.28 7.16 8.86
CA MET C 82 34.33 7.93 9.64
C MET C 82 33.45 8.67 8.63
N LYS C 83 32.40 8.00 8.18
CA LYS C 83 31.67 8.39 6.98
C LYS C 83 30.54 9.34 7.36
N ASP C 84 30.70 10.62 7.03
CA ASP C 84 29.62 11.58 7.18
C ASP C 84 28.41 11.18 6.35
N LEU C 85 27.22 11.32 6.92
CA LEU C 85 26.00 10.90 6.26
C LEU C 85 25.11 12.10 5.99
N SER C 86 24.03 11.85 5.27
CA SER C 86 23.16 12.91 4.80
C SER C 86 22.34 13.49 5.95
N PRO C 87 22.31 14.81 6.13
CA PRO C 87 21.45 15.40 7.15
C PRO C 87 19.99 14.98 7.01
N ARG C 88 19.32 14.81 8.15
CA ARG C 88 17.89 14.55 8.20
C ARG C 88 17.18 15.66 8.96
N TRP C 89 15.98 16.03 8.52
CA TRP C 89 15.20 17.09 9.14
C TRP C 89 13.88 16.49 9.64
N TYR C 90 13.50 16.85 10.86
CA TYR C 90 12.27 16.35 11.48
C TYR C 90 11.34 17.49 11.83
N PHE C 91 10.05 17.31 11.57
CA PHE C 91 9.06 18.36 11.84
C PHE C 91 8.53 18.24 13.26
N TYR C 92 8.49 19.37 13.97
CA TYR C 92 7.89 19.47 15.28
C TYR C 92 6.91 20.63 15.28
N TYR C 93 5.72 20.39 15.82
CA TYR C 93 4.74 21.45 15.94
C TYR C 93 5.26 22.55 16.86
N LEU C 94 4.81 23.77 16.60
CA LEU C 94 5.19 24.92 17.41
C LEU C 94 4.92 24.66 18.89
N GLY C 95 5.93 24.94 19.72
CA GLY C 95 5.83 24.73 21.16
C GLY C 95 6.08 23.31 21.63
N THR C 96 6.43 22.39 20.73
CA THR C 96 6.74 21.01 21.09
C THR C 96 8.17 20.69 20.68
N GLY C 97 8.68 19.56 21.19
CA GLY C 97 9.90 18.98 20.67
C GLY C 97 11.15 19.57 21.29
N PRO C 98 12.30 19.31 20.65
CA PRO C 98 13.59 19.71 21.25
C PRO C 98 13.75 21.22 21.38
N GLU C 99 12.98 21.99 20.63
CA GLU C 99 12.97 23.45 20.70
C GLU C 99 11.58 23.94 21.05
N ALA C 100 10.92 23.23 21.97
CA ALA C 100 9.57 23.57 22.38
C ALA C 100 9.48 25.02 22.90
N GLY C 101 10.55 25.54 23.49
CA GLY C 101 10.49 26.87 24.08
C GLY C 101 10.72 28.02 23.11
N LEU C 102 11.05 27.70 21.87
CA LEU C 102 11.43 28.75 20.93
C LEU C 102 10.18 29.33 20.27
N PRO C 103 10.05 30.65 20.14
CA PRO C 103 8.86 31.19 19.48
C PRO C 103 9.00 31.08 17.97
N TYR C 104 7.86 31.10 17.29
CA TYR C 104 7.84 31.03 15.84
C TYR C 104 8.89 31.99 15.27
N GLY C 105 9.62 31.55 14.25
CA GLY C 105 10.50 32.48 13.55
C GLY C 105 11.81 32.78 14.22
N ALA C 106 12.09 32.23 15.41
CA ALA C 106 13.35 32.50 16.09
C ALA C 106 14.53 31.96 15.30
N ASN C 107 15.62 32.72 15.28
CA ASN C 107 16.78 32.41 14.46
C ASN C 107 17.73 31.48 15.21
N LYS C 108 17.92 30.27 14.70
CA LYS C 108 18.85 29.31 15.31
C LYS C 108 19.32 28.33 14.24
N ASP C 109 20.63 28.12 14.15
CA ASP C 109 21.19 27.22 13.14
C ASP C 109 20.65 25.80 13.32
N GLY C 110 20.16 25.22 12.22
CA GLY C 110 19.56 23.91 12.25
C GLY C 110 18.05 23.89 12.42
N ILE C 111 17.44 25.06 12.59
CA ILE C 111 16.00 25.20 12.81
C ILE C 111 15.45 26.08 11.71
N ILE C 112 14.47 25.58 10.97
CA ILE C 112 13.75 26.45 10.04
C ILE C 112 12.26 26.32 10.31
N TRP C 113 11.54 27.41 10.10
CA TRP C 113 10.15 27.51 10.47
C TRP C 113 9.23 27.33 9.26
N VAL C 114 8.00 26.88 9.53
CA VAL C 114 7.02 26.60 8.49
C VAL C 114 5.64 26.84 9.08
N ALA C 115 4.73 27.37 8.26
CA ALA C 115 3.32 27.43 8.67
C ALA C 115 2.46 27.75 7.45
N THR C 116 1.17 27.40 7.57
CA THR C 116 0.15 27.80 6.63
C THR C 116 -0.52 29.09 7.08
N GLU C 117 -1.19 29.74 6.14
CA GLU C 117 -1.96 30.94 6.45
C GLU C 117 -3.10 30.59 7.40
N GLY C 118 -3.36 31.48 8.37
CA GLY C 118 -4.43 31.27 9.31
C GLY C 118 -4.13 30.31 10.45
N ALA C 119 -2.92 29.77 10.53
CA ALA C 119 -2.54 28.97 11.67
C ALA C 119 -2.25 29.88 12.87
N LEU C 120 -2.52 29.35 14.07
CA LEU C 120 -2.37 30.13 15.29
C LEU C 120 -0.96 30.06 15.85
N ASN C 121 -0.44 31.21 16.25
CA ASN C 121 0.82 31.29 16.98
C ASN C 121 0.56 31.00 18.46
N THR C 122 0.29 29.71 18.73
CA THR C 122 0.06 29.18 20.07
C THR C 122 0.78 27.85 20.18
N PRO C 123 1.21 27.47 21.39
CA PRO C 123 1.90 26.18 21.53
C PRO C 123 0.93 25.02 21.38
N LYS C 124 1.39 23.96 20.73
CA LYS C 124 0.56 22.79 20.45
C LYS C 124 0.85 21.67 21.43
N ASP C 125 0.67 21.98 22.72
CA ASP C 125 0.94 20.96 23.74
C ASP C 125 -0.04 19.80 23.66
N HIS C 126 -1.27 20.03 23.18
CA HIS C 126 -2.21 18.92 23.05
C HIS C 126 -1.76 17.90 22.02
N ILE C 127 -0.91 18.31 21.08
CA ILE C 127 -0.38 17.39 20.11
C ILE C 127 0.89 16.72 20.63
N GLY C 128 1.76 17.49 21.28
CA GLY C 128 3.00 16.99 21.83
C GLY C 128 3.88 16.24 20.85
N THR C 129 4.76 15.39 21.38
CA THR C 129 5.68 14.62 20.56
C THR C 129 5.19 13.19 20.56
N ARG C 130 5.87 12.35 19.82
CA ARG C 130 5.50 10.95 19.67
C ARG C 130 6.30 10.11 20.66
N ASN C 131 5.62 9.19 21.34
CA ASN C 131 6.30 8.13 22.07
C ASN C 131 6.57 7.00 21.08
N PRO C 132 7.82 6.78 20.67
CA PRO C 132 8.07 5.79 19.60
C PRO C 132 7.78 4.37 20.00
N ALA C 133 7.73 4.06 21.30
CA ALA C 133 7.32 2.73 21.70
C ALA C 133 5.82 2.52 21.54
N ASN C 134 5.05 3.59 21.53
CA ASN C 134 3.60 3.51 21.56
C ASN C 134 2.96 3.73 20.20
N ASN C 135 3.52 4.63 19.41
CA ASN C 135 2.94 5.00 18.13
C ASN C 135 3.99 5.00 17.04
N ALA C 136 3.57 4.61 15.85
CA ALA C 136 4.43 4.70 14.70
C ALA C 136 4.45 6.13 14.15
N ALA C 137 5.51 6.47 13.43
CA ALA C 137 5.60 7.77 12.80
C ALA C 137 4.59 7.91 11.66
N ILE C 138 4.12 9.13 11.46
CA ILE C 138 3.31 9.46 10.29
C ILE C 138 4.27 9.71 9.14
N VAL C 139 4.12 8.94 8.05
CA VAL C 139 4.95 9.20 6.87
C VAL C 139 4.66 10.61 6.37
N LEU C 140 5.70 11.34 6.01
CA LEU C 140 5.56 12.77 5.84
C LEU C 140 5.14 13.09 4.42
N GLN C 141 4.12 13.94 4.28
CA GLN C 141 3.64 14.34 2.97
C GLN C 141 3.28 15.82 3.04
N LEU C 142 3.91 16.62 2.19
CA LEU C 142 3.52 18.01 2.07
C LEU C 142 2.13 18.13 1.44
N PRO C 143 1.37 19.17 1.77
CA PRO C 143 0.01 19.26 1.24
C PRO C 143 -0.06 19.74 -0.19
N GLN C 144 -1.24 20.19 -0.61
CA GLN C 144 -1.54 20.43 -2.02
C GLN C 144 -0.56 21.42 -2.64
N GLY C 145 0.11 20.99 -3.70
CA GLY C 145 1.00 21.85 -4.45
C GLY C 145 2.15 22.42 -3.65
N THR C 146 2.87 21.57 -2.92
CA THR C 146 4.06 21.98 -2.18
C THR C 146 5.24 21.16 -2.68
N THR C 147 6.25 21.85 -3.22
CA THR C 147 7.46 21.21 -3.68
C THR C 147 8.56 21.34 -2.62
N LEU C 148 9.49 20.41 -2.64
CA LEU C 148 10.62 20.43 -1.73
C LEU C 148 11.91 20.77 -2.49
N PRO C 149 12.79 21.59 -1.90
CA PRO C 149 13.99 22.04 -2.61
C PRO C 149 14.83 20.91 -3.20
N LYS C 150 15.71 21.26 -4.14
CA LYS C 150 16.56 20.25 -4.76
C LYS C 150 17.45 19.59 -3.71
N GLY C 151 17.60 18.27 -3.84
CA GLY C 151 18.41 17.50 -2.93
C GLY C 151 17.68 17.00 -1.70
N PHE C 152 16.36 17.12 -1.64
CA PHE C 152 15.57 16.65 -0.51
C PHE C 152 14.62 15.53 -0.95
N TYR C 153 14.46 14.54 -0.08
CA TYR C 153 13.48 13.48 -0.33
C TYR C 153 12.93 12.94 0.99
N ALA C 154 11.68 12.53 0.94
CA ALA C 154 11.03 11.93 2.09
C ALA C 154 11.35 10.44 2.16
N GLU C 155 11.41 9.91 3.38
CA GLU C 155 11.67 8.49 3.59
C GLU C 155 11.17 8.03 4.95
N ASN D 28 -5.55 -14.19 -14.03
CA ASN D 28 -6.23 -15.19 -14.82
C ASN D 28 -7.20 -16.01 -13.96
N ASN D 29 -6.80 -17.22 -13.57
CA ASN D 29 -7.63 -18.06 -12.71
C ASN D 29 -7.64 -17.49 -11.30
N THR D 30 -8.82 -17.14 -10.79
CA THR D 30 -8.92 -16.40 -9.54
C THR D 30 -9.89 -17.09 -8.58
N ALA D 31 -10.29 -16.34 -7.54
CA ALA D 31 -11.03 -16.89 -6.42
C ALA D 31 -11.90 -15.78 -5.81
N SER D 32 -12.90 -16.20 -5.05
CA SER D 32 -13.70 -15.26 -4.27
C SER D 32 -12.82 -14.47 -3.32
N TRP D 33 -13.21 -13.21 -3.07
CA TRP D 33 -12.51 -12.39 -2.08
C TRP D 33 -12.77 -12.86 -0.65
N PHE D 34 -13.77 -13.70 -0.44
CA PHE D 34 -14.22 -14.04 0.90
C PHE D 34 -14.21 -15.55 1.09
N THR D 35 -14.13 -15.97 2.34
CA THR D 35 -14.34 -17.38 2.65
C THR D 35 -15.79 -17.76 2.37
N ALA D 36 -16.05 -19.06 2.32
CA ALA D 36 -17.32 -19.58 1.84
C ALA D 36 -18.36 -19.68 2.96
N LEU D 37 -19.62 -19.61 2.57
CA LEU D 37 -20.73 -20.04 3.41
C LEU D 37 -21.02 -21.52 3.13
N THR D 38 -20.93 -22.36 4.14
CA THR D 38 -21.23 -23.78 3.96
C THR D 38 -22.69 -24.06 4.30
N GLN D 39 -23.35 -24.80 3.40
CA GLN D 39 -24.73 -25.26 3.55
C GLN D 39 -24.72 -26.64 4.17
N HIS D 40 -24.88 -26.70 5.49
CA HIS D 40 -25.01 -27.97 6.20
C HIS D 40 -26.45 -28.45 6.27
N GLY D 41 -27.43 -27.55 6.06
CA GLY D 41 -28.83 -27.91 6.08
C GLY D 41 -29.40 -28.01 4.68
N LYS D 42 -30.73 -28.06 4.61
CA LYS D 42 -31.37 -28.21 3.31
C LYS D 42 -31.94 -26.92 2.73
N GLU D 43 -31.94 -25.84 3.49
CA GLU D 43 -32.36 -24.54 2.95
C GLU D 43 -31.25 -23.98 2.06
N ASP D 44 -31.66 -23.40 0.93
CA ASP D 44 -30.71 -22.70 0.08
C ASP D 44 -30.69 -21.21 0.46
N LEU D 45 -29.66 -20.49 0.02
CA LEU D 45 -29.50 -19.14 0.53
C LEU D 45 -30.63 -18.23 0.08
N LYS D 46 -30.97 -17.28 0.94
CA LYS D 46 -31.94 -16.24 0.65
C LYS D 46 -31.88 -15.22 1.78
N PHE D 47 -31.68 -13.97 1.43
CA PHE D 47 -31.63 -12.90 2.41
C PHE D 47 -32.77 -11.91 2.19
N PRO D 48 -33.22 -11.22 3.25
CA PRO D 48 -34.25 -10.18 3.05
C PRO D 48 -33.72 -8.98 2.29
N ARG D 49 -34.57 -7.97 2.13
CA ARG D 49 -34.20 -6.80 1.34
C ARG D 49 -33.03 -6.07 1.99
N GLY D 50 -31.99 -5.82 1.21
CA GLY D 50 -30.85 -5.07 1.70
C GLY D 50 -29.92 -5.82 2.60
N GLN D 51 -29.94 -7.15 2.58
CA GLN D 51 -29.09 -7.96 3.46
C GLN D 51 -28.34 -9.00 2.65
N GLY D 52 -27.23 -9.48 3.23
CA GLY D 52 -26.44 -10.55 2.66
C GLY D 52 -25.10 -10.16 2.09
N VAL D 53 -24.80 -8.87 1.94
CA VAL D 53 -23.50 -8.48 1.40
C VAL D 53 -22.45 -8.55 2.52
N PRO D 54 -21.34 -9.25 2.31
CA PRO D 54 -20.30 -9.33 3.35
C PRO D 54 -19.68 -7.98 3.65
N ILE D 55 -19.19 -7.84 4.89
CA ILE D 55 -18.61 -6.60 5.41
C ILE D 55 -17.23 -6.42 4.80
N ASN D 56 -17.07 -5.43 3.92
CA ASN D 56 -15.77 -5.19 3.30
C ASN D 56 -15.46 -3.70 3.44
N THR D 57 -14.52 -3.37 4.32
CA THR D 57 -14.17 -1.98 4.58
C THR D 57 -13.34 -1.36 3.48
N ASN D 58 -12.83 -2.18 2.55
CA ASN D 58 -12.21 -1.71 1.31
C ASN D 58 -13.20 -1.57 0.17
N SER D 59 -14.48 -1.32 0.48
CA SER D 59 -15.49 -1.09 -0.53
C SER D 59 -16.38 0.06 -0.08
N SER D 60 -17.23 0.51 -0.99
CA SER D 60 -18.06 1.68 -0.80
C SER D 60 -19.53 1.30 -0.92
N PRO D 61 -20.45 2.08 -0.32
CA PRO D 61 -21.88 1.78 -0.49
C PRO D 61 -22.26 1.56 -1.94
N ASP D 62 -21.56 2.21 -2.87
CA ASP D 62 -21.77 1.98 -4.29
C ASP D 62 -21.59 0.51 -4.65
N ASP D 63 -20.58 -0.15 -4.05
CA ASP D 63 -20.15 -1.48 -4.48
C ASP D 63 -20.95 -2.63 -3.88
N GLN D 64 -21.81 -2.37 -2.90
CA GLN D 64 -22.35 -3.43 -2.05
C GLN D 64 -23.47 -4.16 -2.79
N ILE D 65 -23.07 -5.01 -3.74
CA ILE D 65 -24.01 -5.68 -4.65
C ILE D 65 -23.32 -6.86 -5.32
N GLY D 66 -24.03 -7.97 -5.48
CA GLY D 66 -23.38 -9.14 -6.09
C GLY D 66 -24.19 -10.41 -5.88
N TYR D 67 -23.49 -11.54 -5.92
CA TYR D 67 -24.15 -12.85 -5.89
C TYR D 67 -23.33 -13.87 -5.10
N TYR D 68 -24.02 -14.91 -4.65
CA TYR D 68 -23.43 -16.13 -4.12
C TYR D 68 -23.64 -17.24 -5.14
N ARG D 69 -22.58 -18.00 -5.41
CA ARG D 69 -22.60 -19.11 -6.34
C ARG D 69 -22.25 -20.40 -5.60
N ARG D 70 -23.04 -21.45 -5.82
CA ARG D 70 -22.80 -22.74 -5.21
C ARG D 70 -21.59 -23.41 -5.82
N ALA D 71 -20.88 -24.16 -4.99
CA ALA D 71 -19.73 -24.96 -5.39
C ALA D 71 -19.83 -26.23 -4.56
N THR D 72 -20.36 -27.28 -5.16
CA THR D 72 -20.33 -28.60 -4.55
C THR D 72 -19.03 -29.30 -4.97
N ARG D 73 -18.50 -30.12 -4.06
CA ARG D 73 -17.31 -30.91 -4.31
C ARG D 73 -17.64 -32.39 -4.10
N ARG D 74 -16.88 -33.25 -4.77
CA ARG D 74 -17.17 -34.68 -4.80
C ARG D 74 -15.96 -35.47 -4.34
N ILE D 75 -16.19 -36.41 -3.42
CA ILE D 75 -15.12 -37.14 -2.76
C ILE D 75 -15.38 -38.64 -2.88
N ARG D 76 -14.31 -39.41 -2.77
CA ARG D 76 -14.39 -40.87 -2.89
C ARG D 76 -15.19 -41.48 -1.74
N ASP D 79 -18.44 -47.40 -0.06
CA ASP D 79 -17.16 -46.95 0.47
C ASP D 79 -16.24 -46.42 -0.65
N GLY D 80 -16.27 -47.08 -1.80
CA GLY D 80 -15.47 -46.65 -2.92
C GLY D 80 -16.28 -45.92 -3.98
N LYS D 81 -17.44 -45.41 -3.59
CA LYS D 81 -18.36 -44.73 -4.50
C LYS D 81 -18.03 -43.24 -4.52
N MET D 82 -18.89 -42.46 -5.16
CA MET D 82 -18.78 -41.01 -5.19
C MET D 82 -19.70 -40.42 -4.14
N LYS D 83 -19.39 -39.20 -3.70
CA LYS D 83 -20.04 -38.61 -2.54
C LYS D 83 -20.03 -37.09 -2.65
N ASP D 84 -21.18 -36.47 -2.41
CA ASP D 84 -21.25 -35.02 -2.33
C ASP D 84 -20.85 -34.55 -0.93
N LEU D 85 -20.16 -33.43 -0.86
CA LEU D 85 -19.94 -32.78 0.42
C LEU D 85 -20.96 -31.64 0.57
N SER D 86 -20.95 -30.98 1.73
CA SER D 86 -21.84 -29.85 1.94
C SER D 86 -21.52 -28.73 0.95
N PRO D 87 -22.50 -28.24 0.19
CA PRO D 87 -22.19 -27.20 -0.81
C PRO D 87 -21.62 -25.94 -0.16
N ARG D 88 -20.64 -25.34 -0.83
CA ARG D 88 -20.03 -24.10 -0.36
C ARG D 88 -20.50 -22.97 -1.25
N TRP D 89 -21.08 -21.94 -0.66
CA TRP D 89 -21.54 -20.79 -1.43
C TRP D 89 -20.48 -19.68 -1.35
N TYR D 90 -20.04 -19.19 -2.51
CA TYR D 90 -18.99 -18.16 -2.58
C TYR D 90 -19.57 -16.87 -3.09
N PHE D 91 -19.17 -15.74 -2.50
CA PHE D 91 -19.71 -14.44 -2.90
C PHE D 91 -18.77 -13.77 -3.90
N TYR D 92 -19.35 -13.34 -5.02
CA TYR D 92 -18.66 -12.57 -6.06
C TYR D 92 -19.43 -11.29 -6.30
N TYR D 93 -18.71 -10.17 -6.32
CA TYR D 93 -19.35 -8.90 -6.62
C TYR D 93 -19.97 -8.93 -8.02
N LEU D 94 -20.96 -8.06 -8.21
CA LEU D 94 -21.59 -7.94 -9.53
C LEU D 94 -20.54 -7.57 -10.57
N GLY D 95 -20.56 -8.28 -11.69
CA GLY D 95 -19.61 -8.05 -12.77
C GLY D 95 -18.34 -8.84 -12.68
N THR D 96 -18.18 -9.67 -11.65
CA THR D 96 -16.94 -10.39 -11.39
C THR D 96 -17.23 -11.88 -11.22
N GLY D 97 -16.16 -12.68 -11.27
CA GLY D 97 -16.23 -14.08 -10.90
C GLY D 97 -16.59 -15.02 -12.03
N PRO D 98 -16.91 -16.28 -11.70
CA PRO D 98 -17.30 -17.24 -12.74
C PRO D 98 -18.57 -16.87 -13.49
N GLU D 99 -19.35 -15.91 -12.99
CA GLU D 99 -20.56 -15.42 -13.64
C GLU D 99 -20.54 -13.92 -13.81
N ALA D 100 -19.40 -13.39 -14.28
CA ALA D 100 -19.21 -11.94 -14.38
C ALA D 100 -20.14 -11.31 -15.40
N GLY D 101 -20.64 -12.07 -16.37
CA GLY D 101 -21.47 -11.50 -17.41
C GLY D 101 -22.95 -11.55 -17.10
N LEU D 102 -23.29 -11.69 -15.81
CA LEU D 102 -24.66 -11.80 -15.32
C LEU D 102 -25.10 -10.48 -14.70
N PRO D 103 -26.22 -9.91 -15.11
CA PRO D 103 -26.71 -8.68 -14.47
C PRO D 103 -27.51 -9.02 -13.22
N TYR D 104 -27.65 -8.02 -12.35
CA TYR D 104 -28.29 -8.23 -11.06
C TYR D 104 -29.67 -8.84 -11.23
N GLY D 105 -30.00 -9.79 -10.35
CA GLY D 105 -31.26 -10.48 -10.44
C GLY D 105 -31.33 -11.56 -11.48
N ALA D 106 -30.21 -11.90 -12.11
CA ALA D 106 -30.21 -12.96 -13.12
C ALA D 106 -30.62 -14.28 -12.51
N ASN D 107 -31.47 -15.02 -13.24
CA ASN D 107 -31.98 -16.29 -12.74
C ASN D 107 -31.13 -17.43 -13.29
N LYS D 108 -30.52 -18.19 -12.38
CA LYS D 108 -29.59 -19.25 -12.73
C LYS D 108 -29.48 -20.18 -11.52
N ASP D 109 -29.52 -21.48 -11.77
CA ASP D 109 -29.39 -22.46 -10.69
C ASP D 109 -28.04 -22.29 -9.99
N GLY D 110 -28.07 -22.30 -8.66
CA GLY D 110 -26.87 -22.13 -7.88
C GLY D 110 -26.41 -20.69 -7.73
N ILE D 111 -27.21 -19.72 -8.18
CA ILE D 111 -26.88 -18.29 -8.08
C ILE D 111 -27.98 -17.58 -7.30
N ILE D 112 -27.60 -16.91 -6.22
CA ILE D 112 -28.49 -16.05 -5.43
C ILE D 112 -27.92 -14.64 -5.42
N TRP D 113 -28.80 -13.65 -5.46
CA TRP D 113 -28.39 -12.26 -5.61
C TRP D 113 -28.68 -11.47 -4.33
N VAL D 114 -27.86 -10.46 -4.08
CA VAL D 114 -27.93 -9.71 -2.83
C VAL D 114 -27.44 -8.28 -3.08
N ALA D 115 -28.08 -7.31 -2.43
CA ALA D 115 -27.69 -5.92 -2.57
C ALA D 115 -28.00 -5.16 -1.28
N THR D 116 -27.14 -4.20 -0.96
CA THR D 116 -27.35 -3.29 0.16
C THR D 116 -28.00 -1.99 -0.35
N GLU D 117 -28.76 -1.33 0.53
CA GLU D 117 -29.39 -0.08 0.15
C GLU D 117 -28.34 1.01 -0.08
N GLY D 118 -28.41 1.67 -1.23
CA GLY D 118 -27.41 2.62 -1.65
C GLY D 118 -26.47 2.15 -2.73
N ALA D 119 -26.61 0.90 -3.18
CA ALA D 119 -25.68 0.30 -4.13
C ALA D 119 -26.07 0.64 -5.57
N LEU D 120 -25.13 0.37 -6.49
CA LEU D 120 -25.29 0.62 -7.92
C LEU D 120 -25.34 -0.68 -8.69
N ASN D 121 -26.25 -0.76 -9.67
CA ASN D 121 -26.37 -1.95 -10.52
C ASN D 121 -25.40 -1.82 -11.70
N THR D 122 -24.10 -1.86 -11.38
CA THR D 122 -23.05 -1.76 -12.38
C THR D 122 -21.99 -2.82 -12.12
N PRO D 123 -21.42 -3.41 -13.18
CA PRO D 123 -20.27 -4.31 -13.01
C PRO D 123 -19.18 -3.69 -12.13
N LYS D 124 -18.73 -4.47 -11.15
CA LYS D 124 -17.70 -3.98 -10.24
C LYS D 124 -16.33 -4.56 -10.59
N ASP D 125 -15.95 -4.44 -11.86
CA ASP D 125 -14.66 -4.97 -12.30
C ASP D 125 -13.51 -4.29 -11.58
N HIS D 126 -13.72 -3.08 -11.07
CA HIS D 126 -12.71 -2.42 -10.26
C HIS D 126 -12.41 -3.17 -8.97
N ILE D 127 -13.34 -4.01 -8.49
CA ILE D 127 -13.03 -4.91 -7.38
C ILE D 127 -12.46 -6.23 -7.90
N GLY D 128 -13.05 -6.77 -8.96
CA GLY D 128 -12.60 -8.02 -9.54
C GLY D 128 -12.65 -9.16 -8.55
N THR D 129 -11.73 -10.11 -8.74
CA THR D 129 -11.63 -11.28 -7.89
C THR D 129 -10.19 -11.39 -7.40
N ARG D 130 -9.93 -12.39 -6.57
CA ARG D 130 -8.73 -12.43 -5.75
C ARG D 130 -7.72 -13.41 -6.34
N ASN D 131 -6.46 -12.99 -6.40
CA ASN D 131 -5.37 -13.92 -6.67
C ASN D 131 -4.85 -14.44 -5.34
N PRO D 132 -5.09 -15.71 -5.00
CA PRO D 132 -4.62 -16.23 -3.70
C PRO D 132 -3.11 -16.19 -3.54
N ALA D 133 -2.35 -16.04 -4.62
CA ALA D 133 -0.91 -15.93 -4.49
C ALA D 133 -0.50 -14.71 -3.68
N ASN D 134 -1.27 -13.61 -3.77
CA ASN D 134 -0.86 -12.36 -3.12
C ASN D 134 -1.95 -11.72 -2.26
N ASN D 135 -3.03 -12.44 -1.92
CA ASN D 135 -4.06 -11.91 -1.04
C ASN D 135 -4.73 -13.06 -0.31
N ALA D 136 -4.85 -12.93 1.02
CA ALA D 136 -5.64 -13.90 1.77
C ALA D 136 -7.14 -13.62 1.57
N ALA D 137 -7.94 -14.67 1.78
CA ALA D 137 -9.38 -14.51 1.80
C ALA D 137 -9.80 -13.65 2.98
N ILE D 138 -10.84 -12.84 2.78
CA ILE D 138 -11.48 -12.11 3.87
C ILE D 138 -12.52 -13.01 4.52
N VAL D 139 -12.41 -13.21 5.83
CA VAL D 139 -13.39 -14.03 6.54
C VAL D 139 -14.77 -13.45 6.32
N LEU D 140 -15.66 -14.26 5.75
CA LEU D 140 -16.98 -13.75 5.42
C LEU D 140 -17.72 -13.39 6.70
N GLN D 141 -18.10 -12.12 6.82
CA GLN D 141 -18.83 -11.61 7.98
C GLN D 141 -20.04 -10.81 7.51
N LEU D 142 -21.16 -10.99 8.20
CA LEU D 142 -22.38 -10.28 7.90
C LEU D 142 -22.69 -9.26 9.00
N PRO D 143 -23.28 -8.11 8.66
CA PRO D 143 -23.48 -7.07 9.68
C PRO D 143 -24.49 -7.50 10.72
N GLN D 144 -24.42 -6.84 11.88
CA GLN D 144 -25.33 -7.17 12.98
C GLN D 144 -26.78 -6.94 12.54
N GLY D 145 -27.63 -7.89 12.87
CA GLY D 145 -29.02 -7.86 12.45
C GLY D 145 -29.32 -8.66 11.21
N THR D 146 -28.30 -9.03 10.43
CA THR D 146 -28.49 -9.88 9.26
C THR D 146 -29.10 -11.23 9.66
N THR D 147 -30.09 -11.66 8.89
CA THR D 147 -30.74 -12.96 9.09
C THR D 147 -30.28 -13.93 8.02
N LEU D 148 -29.92 -15.15 8.44
CA LEU D 148 -29.44 -16.24 7.60
C LEU D 148 -30.48 -17.36 7.57
N PRO D 149 -30.65 -18.07 6.45
CA PRO D 149 -31.51 -19.26 6.49
C PRO D 149 -30.97 -20.33 7.41
N LYS D 150 -31.71 -21.41 7.61
CA LYS D 150 -31.27 -22.50 8.47
C LYS D 150 -30.20 -23.33 7.78
N GLY D 151 -29.28 -23.86 8.59
CA GLY D 151 -28.25 -24.77 8.11
C GLY D 151 -27.02 -24.12 7.52
N PHE D 152 -26.89 -22.80 7.61
CA PHE D 152 -25.84 -22.03 6.97
C PHE D 152 -24.82 -21.53 7.99
N TYR D 153 -23.54 -21.73 7.70
CA TYR D 153 -22.51 -21.32 8.66
C TYR D 153 -21.25 -20.86 7.93
N ALA D 154 -20.56 -19.90 8.55
CA ALA D 154 -19.30 -19.35 8.02
C ALA D 154 -18.14 -20.07 8.70
N GLU D 155 -17.66 -21.15 8.07
CA GLU D 155 -16.54 -21.93 8.59
C GLU D 155 -15.19 -21.33 8.22
#